data_6VQ5
#
_entry.id   6VQ5
#
_cell.length_a   53.379
_cell.length_b   53.379
_cell.length_c   105.949
_cell.angle_alpha   90.000
_cell.angle_beta   90.000
_cell.angle_gamma   90.000
#
_symmetry.space_group_name_H-M   'P 43'
#
loop_
_entity.id
_entity.type
_entity.pdbx_description
1 polymer 'Pheromome Binding Protein'
2 non-polymer 2-(2-METHOXYETHOXY)ETHANOL
3 water water
#
_entity_poly.entity_id   1
_entity_poly.type   'polypeptide(L)'
_entity_poly.pdbx_seq_one_letter_code
;SEEVMKDLTSGFIKVLEECKKELNLSESIINDLYNYWKEDYSLLNRDVGCAIVCMSKKLELIDTSGKIHHGNAEDLAKKH
GADSEVAAKLVAILHECEKTHDAIEDQCMKALEIAKCFRTNIHELNWAPKMDVVITEVLTEVENLYFQGHHHHHHHHHH
;
_entity_poly.pdbx_strand_id   A,B
#
loop_
_chem_comp.id
_chem_comp.type
_chem_comp.name
_chem_comp.formula
PG0 non-polymer 2-(2-METHOXYETHOXY)ETHANOL 'C5 H12 O3'
#
# COMPACT_ATOMS: atom_id res chain seq x y z
N PHE A 12 -2.61 3.69 9.92
CA PHE A 12 -2.36 4.43 8.64
C PHE A 12 -3.62 4.42 7.75
N ILE A 13 -4.15 3.22 7.53
CA ILE A 13 -5.52 2.99 7.01
C ILE A 13 -6.51 3.50 8.06
N LYS A 14 -6.28 3.20 9.34
CA LYS A 14 -7.08 3.75 10.46
C LYS A 14 -7.16 5.27 10.30
N VAL A 15 -6.01 5.89 10.10
CA VAL A 15 -5.89 7.37 10.08
C VAL A 15 -6.51 7.90 8.78
N LEU A 16 -6.31 7.21 7.66
CA LEU A 16 -6.96 7.54 6.36
C LEU A 16 -8.49 7.47 6.49
N GLU A 17 -9.02 6.36 7.02
CA GLU A 17 -10.47 6.10 7.21
C GLU A 17 -11.06 7.16 8.15
N GLU A 18 -10.36 7.51 9.21
CA GLU A 18 -10.84 8.55 10.16
C GLU A 18 -10.97 9.85 9.39
N CYS A 19 -9.89 10.26 8.72
CA CYS A 19 -9.82 11.54 7.97
C CYS A 19 -10.90 11.58 6.89
N LYS A 20 -11.22 10.43 6.30
CA LYS A 20 -12.21 10.31 5.20
C LYS A 20 -13.57 10.74 5.78
N LYS A 21 -13.91 10.25 6.97
CA LYS A 21 -15.22 10.54 7.64
C LYS A 21 -15.27 12.01 8.15
N GLU A 22 -14.25 12.43 8.89
CA GLU A 22 -14.08 13.83 9.39
C GLU A 22 -14.23 14.86 8.26
N LEU A 23 -13.60 14.63 7.09
CA LEU A 23 -13.51 15.64 5.99
C LEU A 23 -14.54 15.35 4.88
N ASN A 24 -15.26 14.24 4.98
CA ASN A 24 -16.37 13.86 4.05
C ASN A 24 -15.83 13.69 2.63
N LEU A 25 -14.72 12.94 2.49
CA LEU A 25 -14.05 12.66 1.20
C LEU A 25 -14.72 11.46 0.53
N SER A 26 -14.79 11.47 -0.81
CA SER A 26 -15.21 10.32 -1.66
C SER A 26 -14.22 9.16 -1.52
N GLU A 27 -14.56 8.00 -2.10
CA GLU A 27 -13.65 6.83 -2.22
C GLU A 27 -12.46 7.23 -3.13
N SER A 28 -12.64 8.23 -3.98
CA SER A 28 -11.58 8.68 -4.92
C SER A 28 -10.29 9.05 -4.17
N ILE A 29 -10.34 9.46 -2.90
CA ILE A 29 -9.10 9.85 -2.13
C ILE A 29 -8.12 8.67 -2.18
N ILE A 30 -8.61 7.45 -2.27
CA ILE A 30 -7.75 6.23 -2.39
C ILE A 30 -7.02 6.30 -3.75
N ASN A 31 -7.80 6.54 -4.81
CA ASN A 31 -7.30 6.68 -6.20
C ASN A 31 -6.22 7.78 -6.17
N ASP A 32 -6.47 8.91 -5.52
CA ASP A 32 -5.52 10.05 -5.46
C ASP A 32 -4.24 9.64 -4.74
N LEU A 33 -4.31 8.96 -3.61
CA LEU A 33 -3.09 8.65 -2.83
C LEU A 33 -2.26 7.60 -3.59
N TYR A 34 -2.92 6.69 -4.29
CA TYR A 34 -2.24 5.69 -5.16
C TYR A 34 -1.51 6.43 -6.30
N ASN A 35 -2.19 7.39 -6.92
CA ASN A 35 -1.65 8.20 -8.05
C ASN A 35 -0.45 9.02 -7.55
N TYR A 36 -0.64 9.77 -6.49
CA TYR A 36 0.44 10.42 -5.72
C TYR A 36 1.64 9.47 -5.61
N TRP A 37 1.42 8.23 -5.17
CA TRP A 37 2.55 7.34 -4.84
C TRP A 37 3.22 6.90 -6.14
N LYS A 38 2.46 6.79 -7.23
CA LYS A 38 3.05 6.37 -8.52
C LYS A 38 3.55 7.62 -9.28
N GLU A 39 3.49 8.78 -8.66
CA GLU A 39 4.11 10.05 -9.13
C GLU A 39 3.30 10.66 -10.28
N ASP A 40 2.01 10.36 -10.41
CA ASP A 40 1.04 11.13 -11.25
C ASP A 40 0.35 12.13 -10.33
N TYR A 41 0.72 13.40 -10.44
CA TYR A 41 0.22 14.50 -9.59
C TYR A 41 -0.82 15.36 -10.32
N SER A 42 -1.06 15.10 -11.61
CA SER A 42 -1.82 16.02 -12.50
C SER A 42 -3.21 16.28 -11.92
N LEU A 43 -3.84 15.29 -11.28
CA LEU A 43 -5.27 15.40 -10.89
C LEU A 43 -5.43 15.53 -9.37
N LEU A 44 -4.36 15.72 -8.60
CA LEU A 44 -4.43 15.92 -7.13
C LEU A 44 -4.96 17.34 -6.86
N ASN A 45 -6.03 17.48 -6.08
CA ASN A 45 -6.68 18.78 -5.76
C ASN A 45 -6.39 19.12 -4.30
N ARG A 46 -6.83 20.30 -3.86
CA ARG A 46 -6.62 20.84 -2.51
C ARG A 46 -7.03 19.80 -1.45
N ASP A 47 -8.16 19.12 -1.66
CA ASP A 47 -8.72 18.17 -0.66
C ASP A 47 -7.69 17.08 -0.36
N VAL A 48 -6.87 16.67 -1.34
CA VAL A 48 -5.81 15.64 -1.10
C VAL A 48 -4.83 16.24 -0.10
N GLY A 49 -4.55 17.54 -0.22
CA GLY A 49 -3.77 18.30 0.77
C GLY A 49 -4.41 18.24 2.14
N CYS A 50 -5.71 18.52 2.25
CA CYS A 50 -6.45 18.52 3.54
C CYS A 50 -6.39 17.11 4.15
N ALA A 51 -6.51 16.05 3.35
CA ALA A 51 -6.39 14.65 3.81
C ALA A 51 -5.02 14.42 4.47
N ILE A 52 -3.96 14.99 3.90
CA ILE A 52 -2.56 14.75 4.33
C ILE A 52 -2.28 15.54 5.61
N VAL A 53 -2.84 16.74 5.72
CA VAL A 53 -2.81 17.54 6.98
C VAL A 53 -3.49 16.72 8.08
N CYS A 54 -4.74 16.29 7.83
CA CYS A 54 -5.55 15.49 8.78
C CYS A 54 -4.76 14.27 9.25
N MET A 55 -4.18 13.52 8.32
CA MET A 55 -3.46 12.26 8.64
C MET A 55 -2.19 12.61 9.43
N SER A 56 -1.49 13.67 9.01
CA SER A 56 -0.21 14.14 9.63
C SER A 56 -0.44 14.49 11.11
N LYS A 57 -1.48 15.26 11.41
CA LYS A 57 -1.90 15.62 12.79
C LYS A 57 -2.15 14.36 13.62
N LYS A 58 -2.95 13.44 13.11
CA LYS A 58 -3.33 12.19 13.81
C LYS A 58 -2.11 11.30 14.06
N LEU A 59 -1.08 11.38 13.21
CA LEU A 59 0.19 10.63 13.42
C LEU A 59 1.20 11.52 14.16
N GLU A 60 0.77 12.71 14.61
CA GLU A 60 1.58 13.66 15.42
C GLU A 60 2.87 13.98 14.65
N LEU A 61 2.74 14.14 13.33
CA LEU A 61 3.84 14.48 12.41
C LEU A 61 3.95 16.01 12.35
N ILE A 62 2.84 16.72 12.56
CA ILE A 62 2.80 18.20 12.79
C ILE A 62 2.79 18.48 14.30
N LYS A 67 4.26 23.10 11.58
CA LYS A 67 5.70 22.74 11.41
C LYS A 67 5.87 21.24 11.70
N ILE A 68 6.63 20.56 10.84
CA ILE A 68 6.88 19.10 10.89
C ILE A 68 7.74 18.79 12.11
N HIS A 69 7.38 17.77 12.88
CA HIS A 69 8.12 17.27 14.06
C HIS A 69 9.18 16.25 13.65
N HIS A 70 10.44 16.65 13.67
CA HIS A 70 11.63 15.87 13.24
C HIS A 70 11.61 14.46 13.84
N GLY A 71 11.54 14.37 15.17
CA GLY A 71 11.63 13.11 15.94
C GLY A 71 10.56 12.10 15.54
N ASN A 72 9.30 12.53 15.48
CA ASN A 72 8.14 11.67 15.15
C ASN A 72 8.20 11.26 13.67
N ALA A 73 8.80 12.09 12.80
CA ALA A 73 9.03 11.78 11.37
C ALA A 73 9.97 10.57 11.27
N GLU A 74 11.14 10.66 11.90
CA GLU A 74 12.13 9.54 11.99
C GLU A 74 11.45 8.28 12.54
N ASP A 75 10.58 8.42 13.54
CA ASP A 75 9.87 7.27 14.17
C ASP A 75 8.97 6.60 13.13
N LEU A 76 8.09 7.37 12.47
CA LEU A 76 7.17 6.89 11.40
C LEU A 76 7.95 6.16 10.30
N ALA A 77 9.13 6.66 9.94
CA ALA A 77 9.96 6.14 8.84
C ALA A 77 10.48 4.75 9.23
N LYS A 78 11.08 4.65 10.41
CA LYS A 78 11.57 3.37 11.00
C LYS A 78 10.38 2.42 11.16
N LYS A 79 9.25 2.95 11.65
CA LYS A 79 7.97 2.22 11.88
C LYS A 79 7.50 1.56 10.57
N HIS A 80 7.87 2.13 9.42
CA HIS A 80 7.60 1.61 8.06
C HIS A 80 8.85 0.94 7.46
N GLY A 81 9.72 0.39 8.31
CA GLY A 81 10.82 -0.52 7.90
C GLY A 81 12.06 0.20 7.40
N ALA A 82 12.18 1.52 7.59
CA ALA A 82 13.41 2.29 7.32
C ALA A 82 14.46 2.00 8.40
N ASP A 83 15.70 1.69 8.01
CA ASP A 83 16.85 1.60 8.93
C ASP A 83 17.19 3.00 9.42
N SER A 84 18.18 3.12 10.31
CA SER A 84 18.65 4.38 10.94
C SER A 84 19.07 5.38 9.86
N GLU A 85 19.95 4.96 8.94
CA GLU A 85 20.55 5.77 7.86
C GLU A 85 19.44 6.31 6.93
N VAL A 86 18.57 5.44 6.42
CA VAL A 86 17.54 5.85 5.42
C VAL A 86 16.54 6.79 6.09
N ALA A 87 16.07 6.49 7.30
CA ALA A 87 15.11 7.32 8.08
C ALA A 87 15.63 8.77 8.15
N ALA A 88 16.91 8.95 8.48
CA ALA A 88 17.59 10.26 8.56
C ALA A 88 17.56 10.96 7.20
N LYS A 89 17.82 10.23 6.11
CA LYS A 89 17.83 10.80 4.72
C LYS A 89 16.42 11.29 4.37
N LEU A 90 15.40 10.46 4.63
CA LEU A 90 13.96 10.78 4.37
C LEU A 90 13.57 12.09 5.06
N VAL A 91 13.84 12.21 6.36
CA VAL A 91 13.43 13.40 7.17
C VAL A 91 14.24 14.61 6.70
N ALA A 92 15.50 14.41 6.32
CA ALA A 92 16.35 15.48 5.72
C ALA A 92 15.65 16.02 4.48
N ILE A 93 15.24 15.13 3.56
CA ILE A 93 14.53 15.49 2.30
C ILE A 93 13.20 16.19 2.66
N LEU A 94 12.47 15.69 3.65
CA LEU A 94 11.15 16.25 4.05
C LEU A 94 11.35 17.68 4.58
N HIS A 95 12.40 17.89 5.37
CA HIS A 95 12.71 19.22 5.97
C HIS A 95 13.00 20.21 4.85
N GLU A 96 13.76 19.81 3.84
CA GLU A 96 14.20 20.74 2.76
C GLU A 96 12.99 21.16 1.93
N CYS A 97 12.10 20.22 1.64
CA CYS A 97 10.78 20.45 0.99
C CYS A 97 9.95 21.45 1.82
N GLU A 98 9.87 21.22 3.14
CA GLU A 98 9.16 22.09 4.11
C GLU A 98 9.72 23.52 4.05
N LYS A 99 11.04 23.69 4.06
CA LYS A 99 11.69 25.03 3.89
C LYS A 99 11.28 25.62 2.54
N THR A 100 11.44 24.88 1.45
CA THR A 100 11.22 25.36 0.06
C THR A 100 9.81 25.96 -0.05
N HIS A 101 8.80 25.28 0.52
CA HIS A 101 7.38 25.66 0.39
C HIS A 101 6.82 26.25 1.70
N ASP A 102 7.69 26.73 2.59
CA ASP A 102 7.30 27.17 3.95
C ASP A 102 6.28 28.31 3.87
N ALA A 103 6.36 29.16 2.85
CA ALA A 103 5.60 30.42 2.72
C ALA A 103 4.21 30.20 2.12
N ILE A 104 3.80 28.97 1.78
CA ILE A 104 2.44 28.74 1.20
C ILE A 104 1.39 29.03 2.29
N GLU A 105 0.53 30.02 2.01
CA GLU A 105 -0.59 30.45 2.89
C GLU A 105 -1.44 29.24 3.29
N ASP A 106 -2.14 28.66 2.33
CA ASP A 106 -3.15 27.60 2.50
C ASP A 106 -2.42 26.34 2.98
N GLN A 107 -2.71 25.89 4.21
CA GLN A 107 -1.95 24.77 4.84
C GLN A 107 -2.30 23.45 4.16
N CYS A 108 -3.46 23.37 3.49
CA CYS A 108 -3.86 22.21 2.65
C CYS A 108 -2.97 22.13 1.40
N MET A 109 -2.81 23.25 0.68
CA MET A 109 -1.96 23.35 -0.53
C MET A 109 -0.50 23.16 -0.11
N LYS A 110 -0.08 23.74 1.01
CA LYS A 110 1.29 23.59 1.56
C LYS A 110 1.62 22.11 1.74
N ALA A 111 0.69 21.32 2.28
CA ALA A 111 0.89 19.88 2.57
C ALA A 111 0.96 19.08 1.25
N LEU A 112 0.10 19.42 0.29
CA LEU A 112 0.12 18.72 -1.02
C LEU A 112 1.49 18.94 -1.68
N GLU A 113 1.96 20.20 -1.70
CA GLU A 113 3.24 20.59 -2.33
C GLU A 113 4.40 19.90 -1.59
N ILE A 114 4.45 19.96 -0.26
CA ILE A 114 5.53 19.28 0.50
C ILE A 114 5.48 17.79 0.17
N ALA A 115 4.29 17.18 0.12
CA ALA A 115 4.11 15.73 -0.11
C ALA A 115 4.66 15.35 -1.49
N LYS A 116 4.43 16.19 -2.50
CA LYS A 116 4.90 15.97 -3.90
C LYS A 116 6.42 16.15 -3.98
N CYS A 117 6.93 17.24 -3.40
CA CYS A 117 8.38 17.50 -3.27
C CYS A 117 9.04 16.29 -2.61
N PHE A 118 8.50 15.83 -1.49
CA PHE A 118 9.00 14.67 -0.72
C PHE A 118 9.05 13.43 -1.64
N ARG A 119 7.88 13.01 -2.15
CA ARG A 119 7.74 11.76 -2.93
C ARG A 119 8.72 11.79 -4.12
N THR A 120 8.84 12.94 -4.79
CA THR A 120 9.68 13.06 -6.00
C THR A 120 11.17 12.98 -5.62
N ASN A 121 11.61 13.57 -4.49
CA ASN A 121 13.05 13.67 -4.13
C ASN A 121 13.55 12.44 -3.33
N ILE A 122 12.68 11.50 -2.97
CA ILE A 122 13.12 10.28 -2.24
C ILE A 122 13.38 9.15 -3.24
N HIS A 123 13.51 9.49 -4.53
CA HIS A 123 13.75 8.55 -5.66
C HIS A 123 14.88 7.55 -5.33
N GLU A 124 16.06 8.06 -4.94
CA GLU A 124 17.31 7.27 -4.88
C GLU A 124 17.42 6.52 -3.54
N LEU A 125 16.29 6.27 -2.88
CA LEU A 125 16.19 5.63 -1.54
C LEU A 125 15.27 4.42 -1.64
N ASN A 126 15.67 3.30 -1.03
CA ASN A 126 14.85 2.05 -0.96
C ASN A 126 13.86 2.19 0.20
N TRP A 127 12.64 2.66 -0.09
CA TRP A 127 11.59 2.86 0.95
C TRP A 127 10.19 2.89 0.32
N ALA A 128 9.29 2.05 0.85
CA ALA A 128 7.90 1.85 0.36
C ALA A 128 6.97 2.89 1.00
N PHE B 12 5.25 -4.04 -7.00
CA PHE B 12 3.78 -4.22 -6.72
C PHE B 12 2.95 -3.32 -7.63
N ILE B 13 3.31 -2.04 -7.71
CA ILE B 13 2.61 -1.02 -8.54
C ILE B 13 2.89 -1.35 -10.01
N LYS B 14 4.14 -1.64 -10.39
CA LYS B 14 4.49 -2.04 -11.78
C LYS B 14 3.56 -3.20 -12.17
N VAL B 15 3.45 -4.18 -11.29
CA VAL B 15 2.74 -5.46 -11.55
C VAL B 15 1.24 -5.18 -11.60
N LEU B 16 0.73 -4.32 -10.70
CA LEU B 16 -0.70 -3.88 -10.68
C LEU B 16 -1.03 -3.15 -11.99
N GLU B 17 -0.21 -2.18 -12.36
CA GLU B 17 -0.40 -1.33 -13.58
C GLU B 17 -0.35 -2.22 -14.84
N GLU B 18 0.56 -3.18 -14.88
CA GLU B 18 0.65 -4.11 -16.03
C GLU B 18 -0.66 -4.88 -16.10
N CYS B 19 -1.06 -5.51 -15.00
CA CYS B 19 -2.27 -6.36 -14.93
C CYS B 19 -3.51 -5.55 -15.29
N LYS B 20 -3.52 -4.27 -14.92
CA LYS B 20 -4.67 -3.36 -15.19
C LYS B 20 -4.84 -3.25 -16.72
N LYS B 21 -3.74 -3.06 -17.45
CA LYS B 21 -3.73 -2.91 -18.94
C LYS B 21 -4.07 -4.25 -19.65
N GLU B 22 -3.37 -5.32 -19.28
CA GLU B 22 -3.58 -6.70 -19.79
C GLU B 22 -5.04 -7.14 -19.63
N LEU B 23 -5.68 -6.89 -18.47
CA LEU B 23 -7.03 -7.42 -18.14
C LEU B 23 -8.11 -6.36 -18.36
N ASN B 24 -7.72 -5.12 -18.67
CA ASN B 24 -8.63 -4.00 -19.03
C ASN B 24 -9.54 -3.66 -17.84
N LEU B 25 -8.95 -3.54 -16.67
CA LEU B 25 -9.63 -3.23 -15.38
C LEU B 25 -9.80 -1.72 -15.24
N SER B 26 -10.91 -1.29 -14.63
CA SER B 26 -11.19 0.11 -14.20
C SER B 26 -10.21 0.53 -13.12
N GLU B 27 -10.23 1.82 -12.76
CA GLU B 27 -9.48 2.37 -11.60
C GLU B 27 -10.03 1.75 -10.31
N SER B 28 -11.27 1.26 -10.33
CA SER B 28 -11.95 0.52 -9.24
C SER B 28 -11.01 -0.48 -8.57
N ILE B 29 -10.18 -1.16 -9.36
CA ILE B 29 -9.38 -2.31 -8.86
C ILE B 29 -8.52 -1.81 -7.68
N ILE B 30 -8.16 -0.54 -7.67
CA ILE B 30 -7.43 0.08 -6.54
C ILE B 30 -8.33 0.07 -5.30
N ASN B 31 -9.56 0.55 -5.47
CA ASN B 31 -10.59 0.62 -4.40
C ASN B 31 -10.78 -0.79 -3.87
N ASP B 32 -10.85 -1.81 -4.75
CA ASP B 32 -11.07 -3.22 -4.35
C ASP B 32 -9.88 -3.73 -3.53
N LEU B 33 -8.65 -3.49 -3.97
CA LEU B 33 -7.48 -4.06 -3.27
C LEU B 33 -7.31 -3.36 -1.91
N TYR B 34 -7.65 -2.07 -1.83
CA TYR B 34 -7.69 -1.30 -0.57
C TYR B 34 -8.72 -1.91 0.39
N ASN B 35 -9.93 -2.20 -0.11
CA ASN B 35 -11.03 -2.78 0.70
C ASN B 35 -10.65 -4.19 1.18
N TYR B 36 -10.19 -5.04 0.25
CA TYR B 36 -9.54 -6.32 0.55
C TYR B 36 -8.58 -6.15 1.73
N TRP B 37 -7.72 -5.15 1.69
CA TRP B 37 -6.64 -5.04 2.71
C TRP B 37 -7.26 -4.61 4.04
N LYS B 38 -8.34 -3.84 4.00
CA LYS B 38 -9.07 -3.39 5.21
C LYS B 38 -9.98 -4.49 5.73
N GLU B 39 -10.09 -5.59 4.99
CA GLU B 39 -10.87 -6.80 5.38
C GLU B 39 -12.38 -6.58 5.14
N ASP B 40 -12.77 -5.65 4.26
CA ASP B 40 -14.17 -5.57 3.72
C ASP B 40 -14.16 -6.31 2.38
N TYR B 41 -14.74 -7.50 2.34
CA TYR B 41 -14.73 -8.39 1.16
C TYR B 41 -16.08 -8.39 0.43
N SER B 42 -17.10 -7.71 0.96
CA SER B 42 -18.50 -7.87 0.53
C SER B 42 -18.63 -7.56 -0.97
N LEU B 43 -17.87 -6.61 -1.51
CA LEU B 43 -18.09 -6.15 -2.92
C LEU B 43 -16.95 -6.59 -3.85
N LEU B 44 -16.06 -7.50 -3.42
CA LEU B 44 -14.99 -8.07 -4.27
C LEU B 44 -15.61 -9.06 -5.27
N ASN B 45 -15.36 -8.86 -6.57
CA ASN B 45 -15.93 -9.68 -7.67
C ASN B 45 -14.81 -10.55 -8.25
N ARG B 46 -15.17 -11.40 -9.22
CA ARG B 46 -14.27 -12.34 -9.92
C ARG B 46 -13.01 -11.61 -10.41
N ASP B 47 -13.19 -10.42 -11.02
CA ASP B 47 -12.10 -9.64 -11.64
C ASP B 47 -11.00 -9.40 -10.62
N VAL B 48 -11.33 -9.19 -9.34
CA VAL B 48 -10.30 -8.97 -8.28
C VAL B 48 -9.47 -10.25 -8.18
N GLY B 49 -10.13 -11.40 -8.30
CA GLY B 49 -9.46 -12.71 -8.39
C GLY B 49 -8.49 -12.77 -9.56
N CYS B 50 -8.96 -12.37 -10.75
CA CYS B 50 -8.15 -12.39 -11.99
C CYS B 50 -6.93 -11.46 -11.82
N ALA B 51 -7.10 -10.30 -11.21
CA ALA B 51 -6.02 -9.32 -10.94
C ALA B 51 -4.93 -10.01 -10.11
N ILE B 52 -5.33 -10.80 -9.12
CA ILE B 52 -4.40 -11.41 -8.12
C ILE B 52 -3.66 -12.59 -8.75
N VAL B 53 -4.34 -13.36 -9.62
CA VAL B 53 -3.66 -14.40 -10.44
C VAL B 53 -2.60 -13.71 -11.30
N CYS B 54 -3.01 -12.71 -12.08
CA CYS B 54 -2.13 -11.94 -13.00
C CYS B 54 -0.89 -11.43 -12.24
N MET B 55 -1.10 -10.79 -11.09
CA MET B 55 0.00 -10.18 -10.30
C MET B 55 0.87 -11.29 -9.72
N SER B 56 0.26 -12.38 -9.24
CA SER B 56 0.96 -13.54 -8.64
C SER B 56 1.91 -14.17 -9.66
N LYS B 57 1.45 -14.41 -10.90
CA LYS B 57 2.28 -14.93 -12.02
C LYS B 57 3.49 -14.01 -12.26
N LYS B 58 3.25 -12.70 -12.38
CA LYS B 58 4.29 -11.69 -12.66
C LYS B 58 5.31 -11.62 -11.52
N LEU B 59 4.91 -11.94 -10.27
CA LEU B 59 5.85 -12.01 -9.13
C LEU B 59 6.36 -13.44 -8.94
N GLU B 60 6.01 -14.35 -9.87
CA GLU B 60 6.46 -15.76 -9.90
C GLU B 60 6.10 -16.41 -8.57
N LEU B 61 4.93 -16.07 -8.05
CA LEU B 61 4.36 -16.59 -6.78
C LEU B 61 3.59 -17.87 -7.08
N ILE B 62 3.01 -17.98 -8.28
CA ILE B 62 2.43 -19.23 -8.85
C ILE B 62 3.49 -19.82 -9.78
N ASP B 63 3.56 -21.15 -9.81
CA ASP B 63 4.25 -21.97 -10.84
C ASP B 63 3.57 -21.76 -12.19
N THR B 64 4.17 -22.40 -13.21
CA THR B 64 3.51 -22.74 -14.49
C THR B 64 2.14 -23.38 -14.18
N SER B 65 2.10 -24.29 -13.20
CA SER B 65 1.06 -25.34 -13.01
C SER B 65 0.00 -24.95 -11.99
N GLY B 66 -0.06 -23.67 -11.58
CA GLY B 66 -1.19 -23.12 -10.79
C GLY B 66 -0.96 -23.16 -9.28
N LYS B 67 0.02 -23.93 -8.80
CA LYS B 67 0.34 -24.13 -7.36
C LYS B 67 1.26 -22.99 -6.89
N ILE B 68 1.05 -22.50 -5.67
CA ILE B 68 1.87 -21.43 -5.03
C ILE B 68 3.29 -21.95 -4.77
N HIS B 69 4.30 -21.17 -5.14
CA HIS B 69 5.73 -21.50 -5.01
C HIS B 69 6.25 -21.06 -3.63
N HIS B 70 6.50 -22.02 -2.74
CA HIS B 70 6.89 -21.81 -1.31
C HIS B 70 8.07 -20.83 -1.21
N GLY B 71 9.18 -21.13 -1.89
CA GLY B 71 10.44 -20.36 -1.82
C GLY B 71 10.26 -18.90 -2.21
N ASN B 72 9.60 -18.63 -3.34
CA ASN B 72 9.38 -17.25 -3.87
C ASN B 72 8.39 -16.51 -2.97
N ALA B 73 7.48 -17.21 -2.30
CA ALA B 73 6.53 -16.63 -1.31
C ALA B 73 7.32 -16.05 -0.14
N GLU B 74 8.17 -16.86 0.48
CA GLU B 74 9.08 -16.44 1.58
C GLU B 74 9.91 -15.24 1.14
N ASP B 75 10.38 -15.23 -0.11
CA ASP B 75 11.25 -14.14 -0.67
C ASP B 75 10.44 -12.84 -0.70
N LEU B 76 9.25 -12.86 -1.32
CA LEU B 76 8.31 -11.71 -1.42
C LEU B 76 8.00 -11.14 -0.03
N ALA B 77 7.84 -12.02 0.96
CA ALA B 77 7.44 -11.66 2.33
C ALA B 77 8.59 -10.88 2.98
N LYS B 78 9.81 -11.43 2.91
CA LYS B 78 11.04 -10.77 3.39
C LYS B 78 11.24 -9.46 2.63
N LYS B 79 11.03 -9.50 1.31
CA LYS B 79 11.15 -8.34 0.37
C LYS B 79 10.23 -7.20 0.84
N HIS B 80 9.14 -7.52 1.55
CA HIS B 80 8.19 -6.56 2.16
C HIS B 80 8.42 -6.44 3.67
N GLY B 81 9.66 -6.66 4.14
CA GLY B 81 10.10 -6.33 5.51
C GLY B 81 9.72 -7.37 6.55
N ALA B 82 9.34 -8.58 6.14
CA ALA B 82 9.15 -9.74 7.05
C ALA B 82 10.53 -10.31 7.43
N ASP B 83 10.76 -10.55 8.73
CA ASP B 83 11.95 -11.28 9.22
C ASP B 83 11.81 -12.76 8.79
N SER B 84 12.81 -13.59 9.12
CA SER B 84 12.89 -15.03 8.78
C SER B 84 11.68 -15.78 9.37
N GLU B 85 11.44 -15.60 10.68
CA GLU B 85 10.37 -16.27 11.45
C GLU B 85 8.98 -15.89 10.89
N VAL B 86 8.70 -14.60 10.72
CA VAL B 86 7.38 -14.09 10.24
C VAL B 86 7.10 -14.62 8.84
N ALA B 87 8.09 -14.50 7.93
CA ALA B 87 7.97 -14.95 6.52
C ALA B 87 7.50 -16.41 6.47
N ALA B 88 8.10 -17.28 7.29
CA ALA B 88 7.74 -18.70 7.42
C ALA B 88 6.28 -18.84 7.89
N LYS B 89 5.84 -18.05 8.88
CA LYS B 89 4.44 -18.09 9.41
C LYS B 89 3.46 -17.72 8.30
N LEU B 90 3.73 -16.63 7.58
CA LEU B 90 2.90 -16.11 6.46
C LEU B 90 2.68 -17.20 5.40
N VAL B 91 3.76 -17.82 4.92
CA VAL B 91 3.68 -18.83 3.83
C VAL B 91 2.99 -20.09 4.38
N ALA B 92 3.20 -20.42 5.66
CA ALA B 92 2.49 -21.53 6.33
C ALA B 92 0.97 -21.27 6.25
N ILE B 93 0.52 -20.07 6.64
CA ILE B 93 -0.91 -19.65 6.59
C ILE B 93 -1.39 -19.70 5.13
N LEU B 94 -0.58 -19.22 4.17
CA LEU B 94 -0.97 -19.18 2.73
C LEU B 94 -1.15 -20.61 2.21
N HIS B 95 -0.27 -21.54 2.59
CA HIS B 95 -0.34 -22.96 2.16
C HIS B 95 -1.63 -23.61 2.68
N GLU B 96 -2.00 -23.34 3.93
CA GLU B 96 -3.19 -23.97 4.55
C GLU B 96 -4.46 -23.47 3.83
N CYS B 97 -4.52 -22.18 3.53
CA CYS B 97 -5.58 -21.53 2.71
C CYS B 97 -5.66 -22.20 1.33
N GLU B 98 -4.51 -22.38 0.67
CA GLU B 98 -4.38 -23.04 -0.66
C GLU B 98 -4.98 -24.46 -0.60
N LYS B 99 -4.63 -25.25 0.42
CA LYS B 99 -5.23 -26.60 0.62
C LYS B 99 -6.75 -26.47 0.80
N THR B 100 -7.19 -25.60 1.70
CA THR B 100 -8.64 -25.45 2.06
C THR B 100 -9.47 -25.21 0.80
N HIS B 101 -8.99 -24.34 -0.10
CA HIS B 101 -9.73 -23.90 -1.32
C HIS B 101 -9.13 -24.51 -2.58
N ASP B 102 -8.38 -25.62 -2.46
CA ASP B 102 -7.65 -26.24 -3.59
C ASP B 102 -8.65 -26.67 -4.68
N ALA B 103 -9.87 -27.05 -4.29
CA ALA B 103 -10.88 -27.70 -5.16
C ALA B 103 -11.70 -26.68 -5.97
N ILE B 104 -11.48 -25.38 -5.81
CA ILE B 104 -12.30 -24.38 -6.55
C ILE B 104 -11.94 -24.46 -8.04
N GLU B 105 -12.95 -24.74 -8.88
CA GLU B 105 -12.83 -24.82 -10.36
C GLU B 105 -12.19 -23.53 -10.90
N ASP B 106 -12.92 -22.42 -10.82
CA ASP B 106 -12.55 -21.13 -11.46
C ASP B 106 -11.30 -20.60 -10.76
N GLN B 107 -10.18 -20.49 -11.48
CA GLN B 107 -8.85 -20.14 -10.90
C GLN B 107 -8.84 -18.68 -10.42
N CYS B 108 -9.71 -17.85 -10.98
CA CYS B 108 -9.92 -16.43 -10.54
C CYS B 108 -10.61 -16.42 -9.17
N MET B 109 -11.72 -17.16 -9.02
CA MET B 109 -12.46 -17.30 -7.74
C MET B 109 -11.56 -17.98 -6.71
N LYS B 110 -10.81 -19.01 -7.11
CA LYS B 110 -9.85 -19.74 -6.24
C LYS B 110 -8.85 -18.75 -5.63
N ALA B 111 -8.32 -17.82 -6.42
CA ALA B 111 -7.31 -16.82 -5.98
C ALA B 111 -7.95 -15.80 -5.04
N LEU B 112 -9.17 -15.36 -5.35
CA LEU B 112 -9.88 -14.40 -4.47
C LEU B 112 -10.07 -15.06 -3.09
N GLU B 113 -10.54 -16.31 -3.07
CA GLU B 113 -10.80 -17.05 -1.80
C GLU B 113 -9.49 -17.28 -1.05
N ILE B 114 -8.45 -17.76 -1.70
CA ILE B 114 -7.14 -17.94 -1.01
C ILE B 114 -6.70 -16.58 -0.45
N ALA B 115 -6.84 -15.50 -1.23
CA ALA B 115 -6.39 -14.15 -0.84
C ALA B 115 -7.13 -13.68 0.43
N LYS B 116 -8.43 -13.96 0.51
CA LYS B 116 -9.31 -13.59 1.66
C LYS B 116 -8.94 -14.44 2.88
N CYS B 117 -8.83 -15.74 2.69
CA CYS B 117 -8.37 -16.68 3.72
C CYS B 117 -7.03 -16.21 4.28
N PHE B 118 -6.08 -15.90 3.40
CA PHE B 118 -4.73 -15.40 3.78
C PHE B 118 -4.85 -14.13 4.62
N ARG B 119 -5.44 -13.08 4.06
CA ARG B 119 -5.51 -11.74 4.70
C ARG B 119 -6.16 -11.88 6.08
N THR B 120 -7.23 -12.68 6.21
CA THR B 120 -7.99 -12.79 7.46
C THR B 120 -7.15 -13.54 8.50
N ASN B 121 -6.38 -14.57 8.12
CA ASN B 121 -5.69 -15.48 9.08
C ASN B 121 -4.30 -14.97 9.48
N ILE B 122 -3.79 -13.90 8.86
CA ILE B 122 -2.45 -13.34 9.21
C ILE B 122 -2.62 -12.24 10.28
N HIS B 123 -3.77 -12.20 10.95
CA HIS B 123 -4.13 -11.20 11.98
C HIS B 123 -3.01 -11.04 13.02
N GLU B 124 -2.55 -12.13 13.62
CA GLU B 124 -1.68 -12.10 14.84
C GLU B 124 -0.21 -11.94 14.45
N LEU B 125 0.07 -11.40 13.26
CA LEU B 125 1.43 -11.27 12.66
C LEU B 125 1.69 -9.80 12.31
N ASN B 126 2.87 -9.29 12.63
CA ASN B 126 3.24 -7.86 12.37
C ASN B 126 3.74 -7.76 10.93
N TRP B 127 2.85 -7.40 10.00
CA TRP B 127 3.19 -7.39 8.54
C TRP B 127 2.24 -6.51 7.71
N ALA B 128 2.81 -5.59 6.93
CA ALA B 128 2.13 -4.60 6.07
C ALA B 128 1.72 -5.25 4.73
C5 PG0 C . 6.19 -2.60 1.42
O2 PG0 C . 4.88 -2.90 0.96
C4 PG0 C . 4.16 -1.80 0.38
C3 PG0 C . 4.57 -1.63 -1.04
O1 PG0 C . 3.97 -0.46 -1.60
C2 PG0 C . 4.78 0.19 -2.59
C1 PG0 C . 5.44 -0.81 -3.50
OTT PG0 C . 5.73 -0.28 -4.78
C5 PG0 D . -2.61 -0.25 8.68
O2 PG0 D . -1.43 0.24 8.07
C4 PG0 D . -1.21 -0.21 6.75
C3 PG0 D . 0.14 0.25 6.29
O1 PG0 D . 0.36 -0.13 4.93
C2 PG0 D . 1.46 0.56 4.33
C1 PG0 D . 2.72 0.35 5.13
OTT PG0 D . 3.87 0.85 4.47
#